data_7ZGC
#
_entry.id   7ZGC
#
_cell.length_a   86.217
_cell.length_b   86.217
_cell.length_c   109.657
_cell.angle_alpha   90.00
_cell.angle_beta   90.00
_cell.angle_gamma   120.00
#
_symmetry.space_group_name_H-M   'P 32 2 1'
#
loop_
_entity.id
_entity.type
_entity.pdbx_description
1 polymer 'SEC14 cytosolic factor'
2 non-polymer (4-chloranyl-3-nitro-phenyl)-[4-(2-fluorophenyl)piperazin-1-yl]methanone
3 non-polymer 'PHOSPHATE ION'
4 water water
#
_entity_poly.entity_id   1
_entity_poly.type   'polypeptide(L)'
_entity_poly.pdbx_seq_one_letter_code
;HHHHHHHHMVTQQEKEFLESYPQNCPPDALPGTPGNLDSAQEKALAELRKLLEDAGFIERLDDSTLLRFLRARKFDVQLA
KEMFENCEKWRKDYGTDTILQDFHYDEKPLIAKFYPQYYHKTDKDGRPVYFEELGAVNLHEMNKVTSEERMLKNLVWEYE
SVVQYRLPACSRAAGHLVETSCTIMDLKGISISSAYSVMSYVREASYISQNYYPERMGKFYIINAPFGFSTAFRLFKPFL
DPVTVSKIFILGSSYQKELLKQIPAENLPVKFGGKSEVDESKGGLYLSDIGPWRDPKYIGPEGEAPEAFSMK
;
_entity_poly.pdbx_strand_id   A
#
# COMPACT_ATOMS: atom_id res chain seq x y z
N THR A 11 -24.28 10.28 -6.06
CA THR A 11 -24.03 11.54 -5.35
C THR A 11 -23.02 12.37 -6.11
N GLN A 12 -23.27 13.67 -6.21
CA GLN A 12 -22.36 14.60 -6.90
C GLN A 12 -20.99 14.43 -6.28
N GLN A 13 -20.92 14.73 -4.99
CA GLN A 13 -19.72 14.52 -4.20
C GLN A 13 -18.85 13.36 -4.68
N GLU A 14 -19.40 12.15 -4.71
CA GLU A 14 -18.64 10.98 -5.15
C GLU A 14 -18.32 11.05 -6.63
N LYS A 15 -19.21 11.64 -7.41
CA LYS A 15 -18.99 11.77 -8.84
C LYS A 15 -17.85 12.74 -9.08
N GLU A 16 -17.87 13.86 -8.35
CA GLU A 16 -16.83 14.86 -8.49
C GLU A 16 -15.45 14.31 -8.15
N PHE A 17 -15.39 13.49 -7.11
CA PHE A 17 -14.15 12.89 -6.67
C PHE A 17 -13.57 11.93 -7.71
N LEU A 18 -14.42 11.06 -8.24
CA LEU A 18 -14.02 10.09 -9.24
C LEU A 18 -13.50 10.69 -10.53
N GLU A 19 -14.13 11.77 -10.99
CA GLU A 19 -13.68 12.45 -12.21
C GLU A 19 -12.63 13.51 -11.93
N SER A 20 -12.11 13.58 -10.70
CA SER A 20 -11.06 14.53 -10.33
C SER A 20 -9.66 13.95 -10.51
N TYR A 21 -9.53 12.68 -10.88
CA TYR A 21 -8.21 12.13 -11.17
C TYR A 21 -8.34 11.13 -12.30
N PRO A 22 -7.24 10.83 -13.00
CA PRO A 22 -7.29 9.86 -14.12
C PRO A 22 -7.73 8.47 -13.65
N GLN A 23 -8.62 7.85 -14.42
CA GLN A 23 -9.25 6.58 -14.03
C GLN A 23 -8.79 5.38 -14.85
N ASN A 24 -7.91 5.56 -15.82
CA ASN A 24 -7.41 4.46 -16.65
C ASN A 24 -5.98 4.10 -16.28
N CYS A 25 -5.69 2.81 -16.16
CA CYS A 25 -4.32 2.38 -16.05
C CYS A 25 -3.64 2.46 -17.42
N PRO A 26 -2.32 2.56 -17.44
CA PRO A 26 -1.60 2.55 -18.73
C PRO A 26 -1.93 1.30 -19.52
N PRO A 27 -1.83 1.36 -20.86
CA PRO A 27 -2.23 0.20 -21.66
C PRO A 27 -1.36 -1.03 -21.47
N ASP A 28 -0.12 -0.89 -21.00
CA ASP A 28 0.74 -2.06 -20.78
C ASP A 28 0.60 -2.65 -19.38
N ALA A 29 -0.42 -2.26 -18.63
CA ALA A 29 -0.66 -2.87 -17.33
C ALA A 29 -1.25 -4.27 -17.52
N LEU A 30 -1.45 -4.97 -16.40
CA LEU A 30 -1.98 -6.32 -16.41
C LEU A 30 -3.42 -6.31 -16.94
N PRO A 31 -3.85 -7.40 -17.59
CA PRO A 31 -5.23 -7.45 -18.06
C PRO A 31 -6.21 -7.40 -16.90
N GLY A 32 -7.42 -6.95 -17.20
CA GLY A 32 -8.44 -6.78 -16.18
C GLY A 32 -8.30 -5.54 -15.33
N THR A 33 -7.35 -4.63 -15.64
CA THR A 33 -7.24 -3.38 -14.91
C THR A 33 -8.07 -2.30 -15.59
N PRO A 34 -8.43 -1.24 -14.87
CA PRO A 34 -9.24 -0.17 -15.45
C PRO A 34 -8.70 0.35 -16.78
N GLY A 35 -9.57 0.35 -17.77
CA GLY A 35 -9.28 0.78 -19.11
C GLY A 35 -8.63 -0.25 -19.99
N ASN A 36 -8.39 -1.44 -19.45
CA ASN A 36 -7.74 -2.51 -20.17
C ASN A 36 -8.59 -3.76 -20.17
N LEU A 37 -9.90 -3.62 -20.12
CA LEU A 37 -10.74 -4.79 -20.04
C LEU A 37 -11.26 -5.37 -21.34
N ASP A 38 -11.23 -6.69 -21.42
CA ASP A 38 -11.79 -7.38 -22.58
C ASP A 38 -13.31 -7.51 -22.42
N SER A 39 -13.97 -8.03 -23.44
CA SER A 39 -15.42 -8.18 -23.41
C SER A 39 -15.91 -8.96 -22.18
N ALA A 40 -15.29 -10.10 -21.92
CA ALA A 40 -15.68 -10.92 -20.78
C ALA A 40 -15.57 -10.18 -19.46
N GLN A 41 -14.43 -9.52 -19.25
CA GLN A 41 -14.18 -8.78 -18.03
C GLN A 41 -15.24 -7.70 -17.81
N GLU A 42 -15.52 -6.90 -18.83
CA GLU A 42 -16.56 -5.89 -18.71
C GLU A 42 -17.89 -6.51 -18.26
N LYS A 43 -18.19 -7.71 -18.76
CA LYS A 43 -19.43 -8.38 -18.37
C LYS A 43 -19.39 -8.83 -16.91
N ALA A 44 -18.25 -9.36 -16.47
CA ALA A 44 -18.12 -9.75 -15.06
C ALA A 44 -18.31 -8.55 -14.14
N LEU A 45 -17.74 -7.40 -14.51
CA LEU A 45 -17.87 -6.20 -13.68
C LEU A 45 -19.32 -5.80 -13.52
N ALA A 46 -20.03 -5.66 -14.65
CA ALA A 46 -21.43 -5.27 -14.61
C ALA A 46 -22.26 -6.25 -13.78
N GLU A 47 -21.96 -7.55 -13.90
CA GLU A 47 -22.70 -8.56 -13.14
C GLU A 47 -22.44 -8.41 -11.65
N LEU A 48 -21.15 -8.32 -11.26
CA LEU A 48 -20.81 -8.19 -9.84
C LEU A 48 -21.46 -6.95 -9.24
N ARG A 49 -21.46 -5.83 -9.99
CA ARG A 49 -22.05 -4.60 -9.48
C ARG A 49 -23.53 -4.79 -9.14
N LYS A 50 -24.33 -5.27 -10.11
CA LYS A 50 -25.75 -5.43 -9.86
C LYS A 50 -26.00 -6.41 -8.72
N LEU A 51 -25.17 -7.46 -8.61
CA LEU A 51 -25.31 -8.39 -7.50
C LEU A 51 -25.08 -7.69 -6.16
N LEU A 52 -24.12 -6.76 -6.11
CA LEU A 52 -23.88 -6.03 -4.87
C LEU A 52 -24.96 -5.00 -4.60
N GLU A 53 -25.47 -4.35 -5.66
CA GLU A 53 -26.58 -3.42 -5.49
C GLU A 53 -27.81 -4.13 -4.93
N ASP A 54 -28.10 -5.34 -5.43
CA ASP A 54 -29.25 -6.11 -4.96
C ASP A 54 -29.15 -6.45 -3.47
N ALA A 55 -27.92 -6.54 -2.95
CA ALA A 55 -27.71 -6.75 -1.53
C ALA A 55 -27.75 -5.46 -0.72
N GLY A 56 -28.03 -4.35 -1.39
CA GLY A 56 -28.13 -3.08 -0.72
C GLY A 56 -26.88 -2.26 -0.48
N PHE A 57 -25.76 -2.71 -1.01
CA PHE A 57 -24.53 -1.97 -0.85
C PHE A 57 -24.62 -0.69 -1.64
N ILE A 58 -24.14 0.40 -1.07
CA ILE A 58 -24.20 1.65 -1.78
C ILE A 58 -22.84 2.32 -2.01
N GLU A 59 -21.84 1.92 -1.25
CA GLU A 59 -20.54 2.54 -1.35
C GLU A 59 -19.48 1.60 -1.86
N ARG A 60 -18.44 2.17 -2.42
CA ARG A 60 -17.28 1.39 -2.87
C ARG A 60 -17.64 0.44 -4.02
N LEU A 61 -18.50 0.91 -4.93
CA LEU A 61 -18.91 0.14 -6.09
C LEU A 61 -18.37 0.74 -7.39
N ASP A 62 -17.27 1.49 -7.32
CA ASP A 62 -16.63 2.04 -8.51
C ASP A 62 -15.83 0.97 -9.25
N ASP A 63 -15.52 1.26 -10.52
CA ASP A 63 -14.79 0.31 -11.36
C ASP A 63 -13.51 -0.18 -10.68
N SER A 64 -12.65 0.77 -10.26
CA SER A 64 -11.36 0.42 -9.65
C SER A 64 -11.54 -0.57 -8.50
N THR A 65 -12.46 -0.27 -7.58
CA THR A 65 -12.65 -1.15 -6.43
C THR A 65 -13.09 -2.53 -6.87
N LEU A 66 -14.15 -2.63 -7.68
CA LEU A 66 -14.71 -3.94 -7.99
C LEU A 66 -13.76 -4.76 -8.84
N LEU A 67 -12.96 -4.10 -9.69
CA LEU A 67 -11.98 -4.83 -10.50
C LEU A 67 -10.87 -5.41 -9.63
N ARG A 68 -10.50 -4.74 -8.55
CA ARG A 68 -9.50 -5.31 -7.65
C ARG A 68 -10.03 -6.60 -7.04
N PHE A 69 -11.29 -6.60 -6.56
CA PHE A 69 -11.84 -7.82 -5.98
C PHE A 69 -12.01 -8.91 -7.05
N LEU A 70 -12.35 -8.52 -8.28
CA LEU A 70 -12.43 -9.50 -9.37
C LEU A 70 -11.06 -10.08 -9.71
N ARG A 71 -10.03 -9.23 -9.78
CA ARG A 71 -8.69 -9.76 -10.04
C ARG A 71 -8.23 -10.67 -8.90
N ALA A 72 -8.59 -10.33 -7.66
CA ALA A 72 -8.19 -11.15 -6.52
C ALA A 72 -8.83 -12.53 -6.55
N ARG A 73 -9.91 -12.70 -7.30
CA ARG A 73 -10.62 -13.98 -7.39
C ARG A 73 -10.62 -14.49 -8.82
N LYS A 74 -9.64 -14.07 -9.62
CA LYS A 74 -9.48 -14.55 -10.99
C LYS A 74 -10.76 -14.35 -11.80
N PHE A 75 -11.52 -13.29 -11.47
CA PHE A 75 -12.78 -12.95 -12.15
C PHE A 75 -13.86 -14.01 -11.96
N ASP A 76 -13.75 -14.83 -10.93
CA ASP A 76 -14.90 -15.61 -10.46
C ASP A 76 -15.86 -14.64 -9.77
N VAL A 77 -16.92 -14.25 -10.48
CA VAL A 77 -17.85 -13.24 -9.97
C VAL A 77 -18.38 -13.61 -8.60
N GLN A 78 -18.70 -14.89 -8.38
CA GLN A 78 -19.37 -15.25 -7.14
C GLN A 78 -18.42 -15.13 -5.95
N LEU A 79 -17.16 -15.55 -6.11
CA LEU A 79 -16.18 -15.44 -5.04
C LEU A 79 -15.77 -13.99 -4.80
N ALA A 80 -15.80 -13.16 -5.85
CA ALA A 80 -15.50 -11.75 -5.63
C ALA A 80 -16.59 -11.09 -4.79
N LYS A 81 -17.85 -11.45 -5.03
CA LYS A 81 -18.96 -10.97 -4.20
C LYS A 81 -18.76 -11.34 -2.74
N GLU A 82 -18.35 -12.59 -2.47
CA GLU A 82 -18.18 -13.03 -1.09
C GLU A 82 -17.01 -12.31 -0.44
N MET A 83 -15.91 -12.13 -1.18
CA MET A 83 -14.77 -11.41 -0.62
C MET A 83 -15.13 -9.96 -0.32
N PHE A 84 -15.85 -9.32 -1.25
CA PHE A 84 -16.33 -7.96 -1.03
C PHE A 84 -17.24 -7.87 0.21
N GLU A 85 -18.19 -8.79 0.32
CA GLU A 85 -19.09 -8.76 1.47
C GLU A 85 -18.35 -9.02 2.78
N ASN A 86 -17.36 -9.93 2.76
CA ASN A 86 -16.51 -10.11 3.94
C ASN A 86 -15.83 -8.79 4.32
N CYS A 87 -15.35 -8.04 3.33
CA CYS A 87 -14.62 -6.80 3.59
C CYS A 87 -15.53 -5.74 4.22
N GLU A 88 -16.70 -5.51 3.63
CA GLU A 88 -17.63 -4.53 4.20
C GLU A 88 -18.04 -4.91 5.62
N LYS A 89 -18.14 -6.20 5.93
CA LYS A 89 -18.47 -6.60 7.30
C LYS A 89 -17.32 -6.27 8.24
N TRP A 90 -16.08 -6.47 7.78
CA TRP A 90 -14.94 -6.10 8.59
C TRP A 90 -14.91 -4.59 8.82
N ARG A 91 -15.11 -3.79 7.75
CA ARG A 91 -15.13 -2.34 7.92
C ARG A 91 -16.18 -1.91 8.92
N LYS A 92 -17.32 -2.62 8.95
CA LYS A 92 -18.35 -2.39 9.97
C LYS A 92 -17.83 -2.68 11.37
N ASP A 93 -17.31 -3.90 11.59
CA ASP A 93 -16.93 -4.31 12.95
C ASP A 93 -15.71 -3.56 13.46
N TYR A 94 -14.78 -3.21 12.58
CA TYR A 94 -13.54 -2.57 12.98
C TYR A 94 -13.67 -1.05 13.04
N GLY A 95 -14.78 -0.48 12.55
CA GLY A 95 -14.93 0.97 12.47
C GLY A 95 -14.07 1.65 11.42
N THR A 96 -13.73 0.93 10.34
CA THR A 96 -12.77 1.44 9.37
C THR A 96 -13.24 2.73 8.71
N ASP A 97 -14.53 2.84 8.42
CA ASP A 97 -15.08 3.98 7.70
C ASP A 97 -14.93 5.30 8.46
N THR A 98 -14.69 5.26 9.77
CA THR A 98 -14.45 6.47 10.54
C THR A 98 -13.10 6.46 11.26
N ILE A 99 -12.19 5.55 10.89
CA ILE A 99 -10.93 5.47 11.63
C ILE A 99 -10.13 6.77 11.52
N LEU A 100 -10.27 7.51 10.41
CA LEU A 100 -9.45 8.72 10.25
C LEU A 100 -9.84 9.79 11.26
N GLN A 101 -11.09 9.79 11.71
CA GLN A 101 -11.57 10.76 12.69
C GLN A 101 -11.45 10.25 14.11
N ASP A 102 -11.47 8.92 14.32
CA ASP A 102 -11.59 8.35 15.66
C ASP A 102 -10.24 8.01 16.29
N PHE A 103 -9.29 7.52 15.49
CA PHE A 103 -8.01 7.05 16.02
C PHE A 103 -6.96 8.15 15.95
N HIS A 104 -6.11 8.19 16.98
CA HIS A 104 -5.13 9.27 17.17
C HIS A 104 -3.84 8.66 17.70
N TYR A 105 -2.88 8.45 16.80
CA TYR A 105 -1.65 7.75 17.13
C TYR A 105 -0.67 8.76 17.74
N ASP A 106 -1.05 9.28 18.91
CA ASP A 106 -0.26 10.31 19.59
C ASP A 106 1.08 9.74 20.08
N GLU A 107 1.20 8.41 20.20
CA GLU A 107 2.45 7.78 20.58
C GLU A 107 3.56 7.92 19.55
N LYS A 108 3.22 8.26 18.29
CA LYS A 108 4.14 8.05 17.17
C LYS A 108 5.50 8.75 17.33
N PRO A 109 5.60 10.02 17.74
CA PRO A 109 6.93 10.58 17.98
C PRO A 109 7.74 9.78 18.98
N LEU A 110 7.08 9.10 19.93
CA LEU A 110 7.82 8.38 20.95
C LEU A 110 8.33 7.02 20.45
N ILE A 111 7.59 6.35 19.57
CA ILE A 111 7.90 4.96 19.24
C ILE A 111 8.32 4.75 17.78
N ALA A 112 8.25 5.78 16.92
CA ALA A 112 8.57 5.61 15.51
C ALA A 112 9.92 4.94 15.31
N LYS A 113 10.92 5.33 16.12
CA LYS A 113 12.26 4.80 15.92
C LYS A 113 12.35 3.30 16.21
N PHE A 114 11.38 2.72 16.93
CA PHE A 114 11.40 1.29 17.27
C PHE A 114 10.72 0.41 16.24
N TYR A 115 10.15 0.99 15.20
CA TYR A 115 9.62 0.27 14.04
C TYR A 115 9.35 1.25 12.91
N PRO A 116 10.39 1.85 12.32
CA PRO A 116 10.16 2.92 11.33
C PRO A 116 9.28 2.48 10.17
N GLN A 117 8.24 3.27 9.92
CA GLN A 117 7.25 3.04 8.87
C GLN A 117 6.87 4.40 8.32
N TYR A 118 7.04 4.62 7.01
CA TYR A 118 6.80 5.95 6.47
C TYR A 118 6.66 5.88 4.95
N TYR A 119 5.87 6.79 4.41
CA TYR A 119 5.66 6.91 2.99
C TYR A 119 6.52 8.07 2.52
N HIS A 120 7.16 7.92 1.38
CA HIS A 120 8.01 8.97 0.87
C HIS A 120 8.09 9.01 -0.63
N LYS A 121 7.48 10.04 -1.21
CA LYS A 121 7.47 10.25 -2.64
C LYS A 121 6.94 9.09 -3.48
N THR A 122 7.31 9.04 -4.74
CA THR A 122 6.80 8.03 -5.65
C THR A 122 7.84 7.31 -6.50
N ASP A 123 7.40 6.25 -7.17
CA ASP A 123 8.28 5.50 -8.05
C ASP A 123 8.10 5.94 -9.51
N LYS A 124 8.80 5.31 -10.44
CA LYS A 124 8.75 5.77 -11.83
C LYS A 124 7.40 5.53 -12.47
N ASP A 125 6.59 4.63 -11.90
CA ASP A 125 5.23 4.38 -12.35
C ASP A 125 4.21 5.26 -11.62
N GLY A 126 4.66 6.12 -10.70
CA GLY A 126 3.79 6.98 -9.94
C GLY A 126 3.30 6.44 -8.61
N ARG A 127 3.69 5.22 -8.23
CA ARG A 127 3.24 4.62 -6.98
C ARG A 127 3.81 5.36 -5.79
N PRO A 128 3.00 5.63 -4.75
CA PRO A 128 3.57 6.05 -3.46
C PRO A 128 4.52 4.97 -2.94
N VAL A 129 5.66 5.41 -2.44
CA VAL A 129 6.70 4.51 -1.95
C VAL A 129 6.56 4.41 -0.43
N TYR A 130 6.39 3.19 0.06
CA TYR A 130 6.27 2.90 1.48
C TYR A 130 7.53 2.20 1.97
N PHE A 131 8.11 2.72 3.05
CA PHE A 131 9.33 2.21 3.64
C PHE A 131 9.03 1.57 4.98
N GLU A 132 9.62 0.40 5.22
CA GLU A 132 9.48 -0.30 6.49
C GLU A 132 10.84 -0.85 6.90
N GLU A 133 11.42 -0.31 7.98
CA GLU A 133 12.72 -0.76 8.49
C GLU A 133 12.49 -1.86 9.53
N LEU A 134 12.01 -3.00 9.02
CA LEU A 134 11.65 -4.10 9.91
C LEU A 134 12.86 -4.60 10.70
N GLY A 135 14.07 -4.52 10.11
CA GLY A 135 15.26 -5.02 10.78
C GLY A 135 15.61 -4.30 12.07
N ALA A 136 15.17 -3.05 12.22
CA ALA A 136 15.43 -2.27 13.42
C ALA A 136 14.39 -2.49 14.49
N VAL A 137 13.40 -3.36 14.23
CA VAL A 137 12.24 -3.45 15.09
C VAL A 137 12.67 -3.76 16.51
N ASN A 138 12.03 -3.12 17.48
CA ASN A 138 12.35 -3.30 18.90
C ASN A 138 10.94 -3.23 19.46
N LEU A 139 10.38 -4.40 19.83
CA LEU A 139 8.98 -4.42 20.26
C LEU A 139 9.06 -4.31 21.78
N HIS A 140 10.17 -4.75 22.39
CA HIS A 140 10.29 -4.63 23.84
C HIS A 140 10.19 -3.17 24.30
N GLU A 141 10.81 -2.24 23.54
CA GLU A 141 10.66 -0.81 23.85
C GLU A 141 9.32 -0.29 23.37
N MET A 142 8.84 -0.80 22.23
CA MET A 142 7.57 -0.33 21.72
C MET A 142 6.42 -0.65 22.67
N ASN A 143 6.42 -1.86 23.24
CA ASN A 143 5.35 -2.28 24.11
C ASN A 143 5.37 -1.58 25.47
N LYS A 144 6.38 -0.76 25.76
CA LYS A 144 6.33 0.06 26.96
C LYS A 144 5.34 1.19 26.81
N VAL A 145 5.01 1.55 25.56
CA VAL A 145 4.25 2.75 25.24
C VAL A 145 2.92 2.41 24.58
N THR A 146 2.92 1.43 23.68
CA THR A 146 1.75 1.12 22.88
C THR A 146 1.60 -0.39 22.72
N SER A 147 0.60 -0.80 21.96
CA SER A 147 0.20 -2.20 21.88
C SER A 147 0.13 -2.62 20.41
N GLU A 148 0.21 -3.94 20.21
CA GLU A 148 0.01 -4.48 18.86
C GLU A 148 -1.33 -4.03 18.30
N GLU A 149 -2.38 -4.01 19.13
CA GLU A 149 -3.69 -3.57 18.67
C GLU A 149 -3.65 -2.14 18.15
N ARG A 150 -2.91 -1.27 18.81
CA ARG A 150 -2.86 0.10 18.32
C ARG A 150 -1.97 0.23 17.09
N MET A 151 -0.93 -0.60 16.98
CA MET A 151 -0.09 -0.57 15.78
C MET A 151 -0.89 -0.99 14.55
N LEU A 152 -1.80 -1.95 14.70
CA LEU A 152 -2.63 -2.37 13.57
C LEU A 152 -3.65 -1.29 13.22
N LYS A 153 -4.29 -0.67 14.22
CA LYS A 153 -5.15 0.49 13.95
C LYS A 153 -4.39 1.53 13.15
N ASN A 154 -3.16 1.84 13.57
CA ASN A 154 -2.36 2.81 12.83
C ASN A 154 -2.10 2.33 11.41
N LEU A 155 -1.89 1.02 11.22
CA LEU A 155 -1.68 0.50 9.86
C LEU A 155 -2.92 0.77 9.00
N VAL A 156 -4.09 0.39 9.50
CA VAL A 156 -5.34 0.59 8.77
C VAL A 156 -5.61 2.09 8.56
N TRP A 157 -5.27 2.90 9.56
CA TRP A 157 -5.36 4.35 9.39
C TRP A 157 -4.57 4.80 8.16
N GLU A 158 -3.32 4.34 8.05
CA GLU A 158 -2.49 4.73 6.92
C GLU A 158 -3.08 4.22 5.61
N TYR A 159 -3.57 2.97 5.60
CA TYR A 159 -4.20 2.46 4.40
C TYR A 159 -5.38 3.34 3.97
N GLU A 160 -6.25 3.68 4.91
CA GLU A 160 -7.36 4.56 4.58
C GLU A 160 -6.85 5.87 4.02
N SER A 161 -5.73 6.36 4.55
CA SER A 161 -5.15 7.59 4.04
C SER A 161 -4.53 7.40 2.66
N VAL A 162 -3.94 6.22 2.39
CA VAL A 162 -3.46 5.92 1.04
C VAL A 162 -4.61 5.95 0.04
N VAL A 163 -5.72 5.27 0.38
CA VAL A 163 -6.84 5.14 -0.56
C VAL A 163 -7.55 6.49 -0.74
N GLN A 164 -7.89 7.15 0.34
CA GLN A 164 -8.55 8.43 0.27
C GLN A 164 -7.72 9.60 -0.24
N TYR A 165 -6.47 9.68 0.14
CA TYR A 165 -5.66 10.81 -0.25
C TYR A 165 -4.32 10.72 -0.95
N ARG A 166 -3.67 9.57 -0.93
CA ARG A 166 -2.37 9.43 -1.51
C ARG A 166 -2.49 8.92 -2.94
N LEU A 167 -3.31 7.94 -3.15
CA LEU A 167 -3.46 7.38 -4.50
C LEU A 167 -4.15 8.36 -5.46
N PRO A 168 -5.22 9.05 -5.07
CA PRO A 168 -5.78 10.05 -6.00
C PRO A 168 -4.80 11.13 -6.37
N ALA A 169 -4.04 11.65 -5.40
CA ALA A 169 -3.01 12.63 -5.72
C ALA A 169 -1.91 12.03 -6.61
N CYS A 170 -1.47 10.80 -6.29
CA CYS A 170 -0.45 10.15 -7.13
C CYS A 170 -0.94 9.90 -8.54
N SER A 171 -2.24 9.61 -8.69
CA SER A 171 -2.81 9.40 -10.02
C SER A 171 -2.74 10.69 -10.84
N ARG A 172 -3.14 11.82 -10.23
CA ARG A 172 -3.06 13.10 -10.95
C ARG A 172 -1.62 13.43 -11.32
N ALA A 173 -0.68 13.21 -10.40
CA ALA A 173 0.71 13.55 -10.67
C ALA A 173 1.31 12.65 -11.74
N ALA A 174 0.77 11.43 -11.91
CA ALA A 174 1.31 10.47 -12.86
C ALA A 174 0.67 10.56 -14.23
N GLY A 175 -0.53 11.14 -14.35
CA GLY A 175 -1.21 11.14 -15.63
C GLY A 175 -2.00 9.89 -15.93
N HIS A 176 -2.14 9.00 -14.95
CA HIS A 176 -2.85 7.74 -15.13
C HIS A 176 -3.24 7.21 -13.75
N LEU A 177 -4.23 6.33 -13.73
CA LEU A 177 -4.65 5.70 -12.48
C LEU A 177 -3.46 5.01 -11.80
N VAL A 178 -3.37 5.19 -10.48
CA VAL A 178 -2.40 4.50 -9.64
C VAL A 178 -3.18 3.87 -8.48
N GLU A 179 -3.19 2.53 -8.43
CA GLU A 179 -3.94 1.78 -7.43
C GLU A 179 -3.03 1.08 -6.42
N THR A 180 -1.71 1.18 -6.58
CA THR A 180 -0.78 0.34 -5.84
C THR A 180 0.35 1.17 -5.28
N SER A 181 1.05 0.59 -4.31
CA SER A 181 2.21 1.19 -3.69
C SER A 181 3.46 0.40 -4.05
N CYS A 182 4.62 1.02 -3.82
CA CYS A 182 5.90 0.36 -3.97
C CYS A 182 6.52 0.26 -2.57
N THR A 183 6.64 -0.96 -2.05
CA THR A 183 7.10 -1.17 -0.66
C THR A 183 8.59 -1.50 -0.64
N ILE A 184 9.33 -0.81 0.21
CA ILE A 184 10.72 -1.15 0.49
C ILE A 184 10.85 -1.56 1.94
N MET A 185 11.28 -2.80 2.16
CA MET A 185 11.43 -3.35 3.50
C MET A 185 12.90 -3.64 3.75
N ASP A 186 13.48 -2.91 4.71
CA ASP A 186 14.88 -3.05 5.06
C ASP A 186 15.00 -4.07 6.17
N LEU A 187 15.68 -5.18 5.91
CA LEU A 187 15.90 -6.21 6.91
C LEU A 187 17.19 -6.02 7.68
N LYS A 188 17.90 -4.90 7.50
CA LYS A 188 19.20 -4.76 8.17
C LYS A 188 19.00 -4.77 9.68
N GLY A 189 19.69 -5.68 10.36
CA GLY A 189 19.57 -5.82 11.80
C GLY A 189 18.62 -6.93 12.26
N ILE A 190 17.92 -7.60 11.34
CA ILE A 190 16.97 -8.64 11.73
C ILE A 190 17.75 -9.83 12.30
N SER A 191 17.18 -10.47 13.32
CA SER A 191 17.71 -11.72 13.84
C SER A 191 16.60 -12.74 13.89
N ILE A 192 16.95 -14.00 14.17
CA ILE A 192 15.91 -15.01 14.35
C ILE A 192 15.00 -14.62 15.50
N SER A 193 15.58 -14.09 16.57
CA SER A 193 14.82 -13.65 17.73
C SER A 193 13.81 -12.55 17.36
N SER A 194 14.28 -11.46 16.75
CA SER A 194 13.35 -10.38 16.47
C SER A 194 12.39 -10.73 15.35
N ALA A 195 12.79 -11.63 14.42
CA ALA A 195 11.84 -12.09 13.41
C ALA A 195 10.64 -12.76 14.07
N TYR A 196 10.90 -13.60 15.06
CA TYR A 196 9.79 -14.23 15.77
C TYR A 196 8.94 -13.18 16.51
N SER A 197 9.57 -12.13 17.04
CA SER A 197 8.82 -11.16 17.83
C SER A 197 7.88 -10.31 16.97
N VAL A 198 8.24 -10.02 15.71
CA VAL A 198 7.37 -9.25 14.82
C VAL A 198 6.39 -10.12 14.05
N MET A 199 6.43 -11.44 14.24
CA MET A 199 5.80 -12.35 13.31
C MET A 199 4.28 -12.23 13.38
N SER A 200 3.75 -12.05 14.58
CA SER A 200 2.31 -11.89 14.73
C SER A 200 1.83 -10.60 14.09
N TYR A 201 2.59 -9.51 14.24
CA TYR A 201 2.21 -8.26 13.60
C TYR A 201 2.20 -8.42 12.09
N VAL A 202 3.27 -9.00 11.52
CA VAL A 202 3.36 -9.17 10.07
C VAL A 202 2.24 -10.07 9.56
N ARG A 203 1.91 -11.12 10.32
CA ARG A 203 0.81 -12.00 9.92
C ARG A 203 -0.51 -11.23 9.81
N GLU A 204 -0.85 -10.45 10.85
CA GLU A 204 -2.10 -9.71 10.83
C GLU A 204 -2.08 -8.65 9.73
N ALA A 205 -0.92 -8.02 9.51
CA ALA A 205 -0.84 -6.98 8.48
C ALA A 205 -1.10 -7.56 7.09
N SER A 206 -0.51 -8.74 6.77
CA SER A 206 -0.74 -9.36 5.47
C SER A 206 -2.18 -9.81 5.31
N TYR A 207 -2.74 -10.39 6.37
CA TYR A 207 -4.15 -10.78 6.33
C TYR A 207 -5.05 -9.60 5.99
N ILE A 208 -4.82 -8.47 6.67
CA ILE A 208 -5.62 -7.28 6.38
C ILE A 208 -5.39 -6.82 4.95
N SER A 209 -4.13 -6.81 4.51
CA SER A 209 -3.78 -6.37 3.15
C SER A 209 -4.49 -7.24 2.11
N GLN A 210 -4.35 -8.56 2.22
CA GLN A 210 -4.85 -9.46 1.17
C GLN A 210 -6.37 -9.50 1.14
N ASN A 211 -7.03 -9.44 2.28
CA ASN A 211 -8.47 -9.65 2.31
C ASN A 211 -9.28 -8.35 2.25
N TYR A 212 -8.75 -7.27 2.79
CA TYR A 212 -9.50 -6.03 2.85
C TYR A 212 -8.94 -4.96 1.93
N TYR A 213 -7.73 -5.16 1.38
CA TYR A 213 -7.13 -4.20 0.45
C TYR A 213 -6.61 -4.86 -0.83
N PRO A 214 -7.30 -5.91 -1.31
CA PRO A 214 -6.76 -6.68 -2.45
C PRO A 214 -6.19 -5.89 -3.61
N GLU A 215 -5.11 -6.42 -4.19
CA GLU A 215 -4.50 -5.88 -5.41
C GLU A 215 -3.92 -4.47 -5.20
N ARG A 216 -3.53 -4.14 -3.97
CA ARG A 216 -2.89 -2.84 -3.71
C ARG A 216 -1.38 -2.94 -3.69
N MET A 217 -0.83 -4.15 -3.74
CA MET A 217 0.62 -4.35 -3.78
C MET A 217 1.09 -4.32 -5.23
N GLY A 218 1.86 -3.29 -5.58
CA GLY A 218 2.42 -3.17 -6.92
C GLY A 218 3.86 -3.63 -7.01
N LYS A 219 4.71 -3.17 -6.09
CA LYS A 219 6.07 -3.71 -5.98
C LYS A 219 6.38 -3.94 -4.51
N PHE A 220 7.23 -4.95 -4.26
CA PHE A 220 7.66 -5.27 -2.89
C PHE A 220 9.14 -5.65 -2.95
N TYR A 221 10.00 -4.75 -2.50
CA TYR A 221 11.45 -4.96 -2.45
C TYR A 221 11.87 -5.22 -1.01
N ILE A 222 12.51 -6.35 -0.78
CA ILE A 222 13.22 -6.60 0.47
C ILE A 222 14.70 -6.32 0.23
N ILE A 223 15.31 -5.53 1.12
CA ILE A 223 16.71 -5.17 0.99
C ILE A 223 17.45 -5.59 2.24
N ASN A 224 18.79 -5.68 2.10
CA ASN A 224 19.67 -6.14 3.18
C ASN A 224 19.22 -7.49 3.71
N ALA A 225 18.71 -8.34 2.82
CA ALA A 225 18.24 -9.66 3.24
C ALA A 225 19.43 -10.50 3.68
N PRO A 226 19.30 -11.26 4.76
CA PRO A 226 20.36 -12.19 5.12
C PRO A 226 20.58 -13.24 4.03
N PHE A 227 21.76 -13.86 4.08
CA PHE A 227 22.23 -14.70 2.98
C PHE A 227 21.30 -15.88 2.74
N GLY A 228 20.91 -16.59 3.81
CA GLY A 228 20.04 -17.75 3.63
C GLY A 228 18.71 -17.38 3.00
N PHE A 229 18.13 -16.27 3.46
CA PHE A 229 16.84 -15.80 2.93
C PHE A 229 16.98 -15.42 1.46
N SER A 230 18.02 -14.66 1.13
CA SER A 230 18.19 -14.21 -0.25
C SER A 230 18.56 -15.37 -1.18
N THR A 231 19.36 -16.31 -0.69
CA THR A 231 19.77 -17.44 -1.52
C THR A 231 18.55 -18.28 -1.90
N ALA A 232 17.66 -18.52 -0.95
CA ALA A 232 16.46 -19.31 -1.24
C ALA A 232 15.67 -18.69 -2.38
N PHE A 233 15.49 -17.36 -2.34
CA PHE A 233 14.72 -16.70 -3.40
C PHE A 233 15.43 -16.83 -4.72
N ARG A 234 16.73 -16.54 -4.75
CA ARG A 234 17.48 -16.66 -5.99
C ARG A 234 17.29 -18.05 -6.60
N LEU A 235 17.26 -19.08 -5.77
CA LEU A 235 17.11 -20.45 -6.26
C LEU A 235 15.72 -20.85 -6.74
N PHE A 236 14.68 -20.37 -6.08
CA PHE A 236 13.32 -20.71 -6.48
C PHE A 236 12.69 -19.71 -7.43
N LYS A 237 13.42 -18.65 -7.74
CA LYS A 237 12.93 -17.58 -8.61
C LYS A 237 12.38 -18.03 -9.96
N PRO A 238 13.00 -19.03 -10.58
CA PRO A 238 12.57 -19.53 -11.90
C PRO A 238 11.22 -20.24 -11.91
N PHE A 239 10.73 -20.68 -10.77
CA PHE A 239 9.45 -21.37 -10.70
C PHE A 239 8.30 -20.46 -10.30
N LEU A 240 8.56 -19.16 -10.23
CA LEU A 240 7.50 -18.24 -9.86
C LEU A 240 6.72 -17.76 -11.08
N ASP A 241 5.44 -17.49 -10.87
CA ASP A 241 4.56 -16.80 -11.80
C ASP A 241 5.33 -15.61 -12.40
N PRO A 242 5.35 -15.45 -13.72
CA PRO A 242 6.06 -14.28 -14.29
C PRO A 242 5.51 -12.93 -13.84
N VAL A 243 4.23 -12.85 -13.48
CA VAL A 243 3.71 -11.64 -12.85
C VAL A 243 4.40 -11.41 -11.52
N THR A 244 4.54 -12.47 -10.71
CA THR A 244 5.13 -12.34 -9.39
C THR A 244 6.59 -11.93 -9.46
N VAL A 245 7.35 -12.48 -10.41
CA VAL A 245 8.78 -12.17 -10.50
C VAL A 245 9.02 -10.73 -10.94
N SER A 246 8.03 -10.09 -11.57
CA SER A 246 8.13 -8.68 -11.90
C SER A 246 7.76 -7.76 -10.73
N LYS A 247 7.22 -8.32 -9.63
CA LYS A 247 6.71 -7.54 -8.51
C LYS A 247 7.54 -7.67 -7.23
N ILE A 248 8.16 -8.83 -6.98
CA ILE A 248 8.85 -9.15 -5.74
C ILE A 248 10.35 -9.22 -5.99
N PHE A 249 11.13 -8.53 -5.17
CA PHE A 249 12.58 -8.54 -5.29
C PHE A 249 13.17 -8.75 -3.90
N ILE A 250 14.05 -9.74 -3.76
CA ILE A 250 14.74 -10.00 -2.50
C ILE A 250 16.20 -9.68 -2.75
N LEU A 251 16.65 -8.54 -2.25
CA LEU A 251 18.01 -8.04 -2.49
C LEU A 251 18.84 -8.13 -1.21
N GLY A 252 20.15 -8.33 -1.39
CA GLY A 252 21.10 -8.28 -0.29
C GLY A 252 21.61 -6.86 -0.06
N SER A 253 22.87 -6.73 0.27
CA SER A 253 23.50 -5.46 0.53
C SER A 253 23.63 -4.51 -0.65
N SER A 254 23.80 -5.03 -1.85
CA SER A 254 23.90 -4.16 -2.99
C SER A 254 22.55 -3.92 -3.64
N TYR A 255 21.69 -3.18 -3.00
CA TYR A 255 20.36 -2.98 -3.54
C TYR A 255 20.15 -1.64 -4.22
N GLN A 256 21.10 -0.76 -4.08
CA GLN A 256 20.92 0.64 -4.49
C GLN A 256 20.60 0.75 -5.98
N LYS A 257 21.44 0.16 -6.83
CA LYS A 257 21.23 0.21 -8.28
C LYS A 257 19.86 -0.36 -8.67
N GLU A 258 19.45 -1.46 -8.05
CA GLU A 258 18.13 -2.02 -8.36
C GLU A 258 17.01 -1.05 -7.98
N LEU A 259 17.07 -0.49 -6.77
CA LEU A 259 16.12 0.55 -6.37
C LEU A 259 16.11 1.71 -7.37
N LEU A 260 17.29 2.14 -7.82
CA LEU A 260 17.35 3.29 -8.72
C LEU A 260 16.78 2.98 -10.10
N LYS A 261 16.68 1.71 -10.49
CA LYS A 261 15.94 1.40 -11.72
C LYS A 261 14.44 1.69 -11.57
N GLN A 262 13.91 1.68 -10.34
CA GLN A 262 12.48 1.75 -10.10
C GLN A 262 12.02 3.08 -9.55
N ILE A 263 12.89 3.80 -8.83
CA ILE A 263 12.56 5.06 -8.17
C ILE A 263 13.53 6.14 -8.64
N PRO A 264 13.05 7.30 -9.08
CA PRO A 264 13.97 8.39 -9.47
C PRO A 264 14.89 8.76 -8.31
N ALA A 265 16.14 9.08 -8.64
CA ALA A 265 17.14 9.34 -7.60
C ALA A 265 16.71 10.49 -6.68
N GLU A 266 16.10 11.54 -7.24
CA GLU A 266 15.64 12.65 -6.41
C GLU A 266 14.43 12.28 -5.55
N ASN A 267 13.82 11.10 -5.74
CA ASN A 267 12.71 10.66 -4.88
C ASN A 267 13.13 9.67 -3.81
N LEU A 268 14.27 9.01 -3.99
CA LEU A 268 14.73 7.97 -3.07
C LEU A 268 15.56 8.58 -1.95
N PRO A 269 15.27 8.27 -0.67
CA PRO A 269 16.05 8.85 0.43
C PRO A 269 17.54 8.58 0.31
N VAL A 270 18.33 9.54 0.78
CA VAL A 270 19.80 9.46 0.68
C VAL A 270 20.31 8.14 1.26
N LYS A 271 19.81 7.75 2.44
CA LYS A 271 20.31 6.57 3.15
C LYS A 271 20.11 5.27 2.36
N PHE A 272 19.28 5.28 1.32
CA PHE A 272 19.05 4.09 0.51
C PHE A 272 19.68 4.22 -0.88
N GLY A 273 20.58 5.18 -1.08
CA GLY A 273 21.32 5.37 -2.31
C GLY A 273 20.80 6.46 -3.21
N GLY A 274 19.78 7.21 -2.77
CA GLY A 274 19.18 8.25 -3.57
C GLY A 274 19.70 9.63 -3.20
N LYS A 275 18.89 10.64 -3.53
CA LYS A 275 19.24 12.04 -3.28
C LYS A 275 18.17 12.81 -2.53
N SER A 276 17.06 12.17 -2.15
CA SER A 276 16.02 12.90 -1.46
C SER A 276 16.40 13.08 0.01
N GLU A 277 16.24 14.31 0.50
CA GLU A 277 16.62 14.71 1.85
C GLU A 277 15.42 15.23 2.61
N VAL A 278 15.45 15.03 3.92
CA VAL A 278 14.44 15.61 4.79
C VAL A 278 15.17 16.33 5.92
N ASP A 279 14.46 17.26 6.55
CA ASP A 279 15.00 18.01 7.68
C ASP A 279 15.14 17.06 8.85
N GLU A 280 16.36 16.55 9.07
CA GLU A 280 16.59 15.61 10.14
C GLU A 280 16.43 16.24 11.52
N SER A 281 16.30 17.55 11.56
CA SER A 281 16.13 18.24 12.84
C SER A 281 14.66 18.28 13.25
N LYS A 282 13.76 18.08 12.30
CA LYS A 282 12.34 18.14 12.60
C LYS A 282 11.64 16.78 12.62
N GLY A 283 12.37 15.74 12.99
CA GLY A 283 11.81 14.41 13.04
C GLY A 283 12.21 13.56 11.86
N GLY A 284 12.90 14.20 10.92
CA GLY A 284 13.38 13.55 9.73
C GLY A 284 12.42 12.61 9.05
N LEU A 285 12.98 11.51 8.54
CA LEU A 285 12.20 10.55 7.77
C LEU A 285 11.06 9.95 8.58
N TYR A 286 11.33 9.58 9.85
CA TYR A 286 10.40 8.69 10.57
C TYR A 286 9.07 9.36 10.85
N LEU A 287 9.08 10.68 10.92
CA LEU A 287 7.86 11.43 11.16
C LEU A 287 7.41 12.24 9.96
N SER A 288 8.00 11.98 8.81
CA SER A 288 7.68 12.69 7.61
C SER A 288 6.67 11.99 6.74
N ASP A 289 5.92 12.75 5.97
CA ASP A 289 4.98 12.22 5.03
C ASP A 289 4.97 13.07 3.79
N ILE A 290 6.03 13.03 3.01
CA ILE A 290 6.20 13.84 1.82
C ILE A 290 5.84 13.17 0.52
N GLY A 291 5.07 13.83 -0.31
CA GLY A 291 4.67 13.28 -1.58
C GLY A 291 3.74 14.19 -2.33
N PRO A 292 3.25 13.75 -3.48
CA PRO A 292 2.31 14.61 -4.24
C PRO A 292 1.02 14.91 -3.49
N TRP A 293 0.63 14.04 -2.55
CA TRP A 293 -0.54 14.31 -1.72
C TRP A 293 -0.34 15.50 -0.79
N ARG A 294 0.88 16.04 -0.68
CA ARG A 294 1.13 17.29 0.03
C ARG A 294 1.39 18.45 -0.93
N ASP A 295 1.06 18.29 -2.20
CA ASP A 295 1.27 19.35 -3.18
C ASP A 295 -0.09 19.84 -3.66
N PRO A 296 -0.45 21.11 -3.43
CA PRO A 296 -1.76 21.61 -3.89
C PRO A 296 -2.03 21.37 -5.36
N LYS A 297 -1.00 21.27 -6.22
CA LYS A 297 -1.22 20.93 -7.63
C LYS A 297 -2.00 19.64 -7.79
N TYR A 298 -1.85 18.69 -6.85
CA TYR A 298 -2.39 17.35 -7.02
C TYR A 298 -3.38 16.97 -5.93
N ILE A 299 -3.91 17.93 -5.16
CA ILE A 299 -4.90 17.68 -4.12
C ILE A 299 -6.27 18.11 -4.65
N GLY A 300 -7.20 17.19 -4.69
CA GLY A 300 -8.48 17.46 -5.32
C GLY A 300 -9.54 17.78 -4.28
N PRO A 301 -10.81 17.55 -4.63
CA PRO A 301 -11.89 17.98 -3.73
C PRO A 301 -11.88 17.29 -2.38
N GLU A 302 -11.13 16.17 -2.23
CA GLU A 302 -10.99 15.52 -0.94
C GLU A 302 -10.19 16.34 0.06
N GLY A 303 -9.52 17.41 -0.37
CA GLY A 303 -8.66 18.16 0.53
C GLY A 303 -7.41 17.37 0.92
N GLU A 304 -6.58 18.01 1.74
CA GLU A 304 -5.31 17.40 2.12
C GLU A 304 -5.47 16.35 3.21
N ALA A 305 -4.69 15.28 3.10
CA ALA A 305 -4.69 14.20 4.06
C ALA A 305 -4.38 14.70 5.47
N PRO A 306 -4.95 14.08 6.49
CA PRO A 306 -4.64 14.45 7.86
C PRO A 306 -3.18 14.17 8.21
N GLU A 307 -2.78 14.68 9.37
CA GLU A 307 -1.45 14.46 9.89
C GLU A 307 -1.55 13.44 11.01
N ALA A 308 -0.61 12.52 11.08
CA ALA A 308 -0.61 11.51 12.11
C ALA A 308 -0.03 12.06 13.40
#